data_5V6U
#
_entry.id   5V6U
#
_cell.length_a   88.393
_cell.length_b   88.393
_cell.length_c   185.358
_cell.angle_alpha   90.00
_cell.angle_beta   90.00
_cell.angle_gamma   120.00
#
_symmetry.space_group_name_H-M   'P 32 2 1'
#
loop_
_entity.id
_entity.type
_entity.pdbx_description
1 polymer Caspase-7
2 non-polymer '2-[(2-acetylphenyl)sulfanyl]benzoic acid'
3 water water
#
_entity_poly.entity_id   1
_entity_poly.type   'polypeptide(L)'
_entity_poly.pdbx_seq_one_letter_code
;MADDQGCIEEQGVEDSANEDSVDAKPDRSSFVPSLFSKKKKNVTMRSIKTTRDRVPTYQYNMNFEKLGKCIIINNKNFDK
VTGMGVRNGTDKDAEALFKCFRSLGFDVIVYNDCSCAKMQDLLKKASEEDHTNAACFACILLSHGEENVIYGKDGVTPIK
DLTAHFRGDRCKTLLEKPKLFFIQACRGTELDDGIQADSGPINDTDANPRYKIPVEADFLFAYSTVPGYYSWRSPGRGSW
FVQALCSILEEHGKDLEIMQILTRVNDRVARHFESQSDDPHFHEKKQIPCVVSMLTKELYFSQ
;
_entity_poly.pdbx_strand_id   A,B
#
loop_
_chem_comp.id
_chem_comp.type
_chem_comp.name
_chem_comp.formula
8YM non-polymer '2-[(2-acetylphenyl)sulfanyl]benzoic acid' 'C15 H12 O3 S'
#
# COMPACT_ATOMS: atom_id res chain seq x y z
N THR A 57 -21.97 2.97 -4.51
CA THR A 57 -21.35 3.11 -5.84
C THR A 57 -19.83 3.25 -5.67
N TYR A 58 -19.42 3.99 -4.64
CA TYR A 58 -18.02 4.23 -4.36
C TYR A 58 -17.58 3.63 -3.04
N GLN A 59 -18.48 2.99 -2.30
CA GLN A 59 -18.14 2.24 -1.10
C GLN A 59 -18.35 0.77 -1.35
N TYR A 60 -17.54 -0.05 -0.69
CA TYR A 60 -17.92 -1.46 -0.54
C TYR A 60 -19.31 -1.50 0.09
N ASN A 61 -20.16 -2.34 -0.47
CA ASN A 61 -21.47 -2.59 0.12
C ASN A 61 -21.33 -3.11 1.54
N MET A 62 -22.01 -2.46 2.49
CA MET A 62 -22.04 -2.95 3.87
C MET A 62 -23.40 -3.46 4.36
N ASN A 63 -24.42 -3.53 3.48
CA ASN A 63 -25.74 -4.01 3.87
C ASN A 63 -25.76 -5.53 3.93
N PHE A 64 -25.15 -6.05 4.99
CA PHE A 64 -25.06 -7.49 5.19
C PHE A 64 -25.41 -7.83 6.62
N GLU A 65 -25.74 -9.11 6.81
CA GLU A 65 -26.17 -9.60 8.10
C GLU A 65 -25.10 -9.35 9.17
N LYS A 66 -23.88 -9.83 8.94
CA LYS A 66 -22.76 -9.57 9.84
C LYS A 66 -21.67 -8.74 9.14
N LEU A 67 -20.82 -8.11 9.97
CA LEU A 67 -19.66 -7.40 9.42
C LEU A 67 -18.65 -8.39 8.86
N GLY A 68 -18.37 -9.45 9.61
CA GLY A 68 -17.57 -10.56 9.11
C GLY A 68 -16.74 -11.16 10.22
N LYS A 69 -16.00 -12.19 9.85
CA LYS A 69 -15.16 -12.95 10.79
C LYS A 69 -13.85 -12.22 11.01
N CYS A 70 -13.36 -12.24 12.24
CA CYS A 70 -12.01 -11.73 12.51
C CYS A 70 -11.23 -12.81 13.25
N ILE A 71 -10.25 -13.37 12.58
CA ILE A 71 -9.34 -14.35 13.16
C ILE A 71 -8.10 -13.61 13.62
N ILE A 72 -7.87 -13.59 14.92
CA ILE A 72 -6.63 -13.05 15.49
C ILE A 72 -5.71 -14.22 15.83
N ILE A 73 -4.55 -14.30 15.19
CA ILE A 73 -3.57 -15.35 15.47
C ILE A 73 -2.48 -14.74 16.35
N ASN A 74 -2.44 -15.13 17.61
CA ASN A 74 -1.55 -14.55 18.61
C ASN A 74 -0.47 -15.56 18.99
N ASN A 75 0.78 -15.25 18.62
CA ASN A 75 1.92 -16.14 18.82
C ASN A 75 2.89 -15.49 19.82
N LYS A 76 2.91 -16.02 21.06
CA LYS A 76 3.79 -15.52 22.11
C LYS A 76 4.98 -16.43 22.37
N ASN A 77 4.79 -17.75 22.32
CA ASN A 77 5.80 -18.72 22.74
C ASN A 77 6.23 -19.55 21.54
N PHE A 78 7.53 -19.86 21.45
CA PHE A 78 8.05 -20.52 20.26
C PHE A 78 8.97 -21.69 20.60
N ASP A 79 9.05 -22.64 19.66
CA ASP A 79 9.59 -23.96 19.90
C ASP A 79 11.11 -23.90 20.14
N LYS A 80 11.68 -25.08 20.42
CA LYS A 80 13.14 -25.24 20.47
C LYS A 80 13.76 -24.92 19.12
N VAL A 81 13.34 -25.63 18.06
CA VAL A 81 13.96 -25.54 16.73
C VAL A 81 13.82 -24.16 16.08
N THR A 82 12.92 -23.30 16.58
CA THR A 82 12.78 -21.96 16.01
C THR A 82 13.81 -21.01 16.62
N GLY A 83 13.98 -21.07 17.93
CA GLY A 83 14.97 -20.28 18.65
C GLY A 83 14.66 -18.80 18.78
N MET A 84 13.38 -18.46 18.95
CA MET A 84 12.97 -17.05 19.03
C MET A 84 12.23 -16.78 20.34
N GLY A 85 12.34 -15.52 20.81
CA GLY A 85 11.97 -15.19 22.17
C GLY A 85 10.48 -15.06 22.43
N VAL A 86 10.13 -15.24 23.70
CA VAL A 86 8.76 -14.98 24.16
C VAL A 86 8.43 -13.50 23.90
N ARG A 87 7.33 -13.28 23.17
CA ARG A 87 6.85 -11.95 22.82
C ARG A 87 5.95 -11.45 23.96
N ASN A 88 6.60 -11.01 25.05
CA ASN A 88 5.89 -10.40 26.16
C ASN A 88 5.19 -9.13 25.69
N GLY A 89 3.89 -9.02 25.99
CA GLY A 89 3.11 -7.88 25.60
C GLY A 89 2.04 -8.16 24.57
N THR A 90 2.10 -9.28 23.86
CA THR A 90 1.05 -9.56 22.87
C THR A 90 -0.27 -9.86 23.56
N ASP A 91 -0.24 -10.36 24.80
CA ASP A 91 -1.49 -10.63 25.46
C ASP A 91 -2.17 -9.31 25.80
N LYS A 92 -1.41 -8.22 25.83
CA LYS A 92 -2.01 -6.91 25.98
C LYS A 92 -2.44 -6.42 24.59
N ASP A 93 -1.64 -6.72 23.55
CA ASP A 93 -2.01 -6.34 22.19
C ASP A 93 -3.26 -7.07 21.73
N ALA A 94 -3.26 -8.40 21.85
CA ALA A 94 -4.35 -9.19 21.32
C ALA A 94 -5.64 -8.87 22.04
N GLU A 95 -5.57 -8.66 23.36
CA GLU A 95 -6.77 -8.33 24.11
C GLU A 95 -7.33 -6.99 23.68
N ALA A 96 -6.45 -6.02 23.39
CA ALA A 96 -6.94 -4.75 22.87
C ALA A 96 -7.54 -4.94 21.48
N LEU A 97 -6.87 -5.71 20.63
CA LEU A 97 -7.39 -5.91 19.28
C LEU A 97 -8.76 -6.56 19.35
N PHE A 98 -8.94 -7.49 20.30
CA PHE A 98 -10.24 -8.14 20.49
C PHE A 98 -11.34 -7.13 20.76
N LYS A 99 -11.13 -6.18 21.68
CA LYS A 99 -12.16 -5.16 21.92
C LYS A 99 -12.37 -4.25 20.70
N CYS A 100 -11.30 -3.71 20.12
CA CYS A 100 -11.42 -2.86 18.93
C CYS A 100 -12.28 -3.55 17.90
N PHE A 101 -11.83 -4.72 17.45
CA PHE A 101 -12.48 -5.32 16.32
C PHE A 101 -13.84 -5.88 16.70
N ARG A 102 -14.02 -6.23 17.97
CA ARG A 102 -15.36 -6.61 18.41
C ARG A 102 -16.27 -5.40 18.37
N SER A 103 -15.82 -4.28 18.96
CA SER A 103 -16.67 -3.07 18.99
C SER A 103 -16.99 -2.59 17.58
N LEU A 104 -16.09 -2.83 16.61
CA LEU A 104 -16.40 -2.60 15.21
C LEU A 104 -17.54 -3.47 14.73
N GLY A 105 -17.68 -4.70 15.27
CA GLY A 105 -18.74 -5.61 14.87
C GLY A 105 -18.29 -6.90 14.21
N PHE A 106 -16.99 -7.21 14.32
CA PHE A 106 -16.46 -8.47 13.82
C PHE A 106 -16.76 -9.62 14.76
N ASP A 107 -16.89 -10.82 14.18
CA ASP A 107 -16.94 -12.06 14.96
C ASP A 107 -15.51 -12.49 15.23
N VAL A 108 -14.99 -12.09 16.34
CA VAL A 108 -13.57 -12.26 16.59
C VAL A 108 -13.32 -13.59 17.27
N ILE A 109 -12.29 -14.31 16.84
CA ILE A 109 -11.79 -15.46 17.58
C ILE A 109 -10.28 -15.36 17.66
N VAL A 110 -9.72 -15.51 18.86
CA VAL A 110 -8.29 -15.45 19.10
C VAL A 110 -7.73 -16.87 19.22
N TYR A 111 -6.63 -17.13 18.54
CA TYR A 111 -5.95 -18.42 18.55
C TYR A 111 -4.49 -18.24 18.99
N ASN A 112 -4.05 -19.00 20.00
CA ASN A 112 -2.73 -18.76 20.57
C ASN A 112 -1.73 -19.83 20.16
N ASP A 113 -0.48 -19.41 20.10
CA ASP A 113 0.70 -20.23 19.82
C ASP A 113 0.45 -21.28 18.71
N CYS A 114 0.16 -20.79 17.51
CA CYS A 114 -0.21 -21.70 16.42
C CYS A 114 1.01 -22.22 15.67
N SER A 115 0.96 -23.49 15.32
CA SER A 115 1.89 -24.05 14.36
C SER A 115 1.65 -23.46 12.97
N CYS A 116 2.58 -23.72 12.06
CA CYS A 116 2.41 -23.32 10.66
C CYS A 116 1.28 -24.09 10.01
N ALA A 117 1.24 -25.41 10.24
CA ALA A 117 0.17 -26.21 9.65
C ALA A 117 -1.17 -25.76 10.18
N LYS A 118 -1.19 -25.31 11.45
CA LYS A 118 -2.42 -24.85 12.09
C LYS A 118 -2.87 -23.51 11.49
N MET A 119 -1.96 -22.55 11.42
CA MET A 119 -2.26 -21.28 10.77
C MET A 119 -2.78 -21.51 9.36
N GLN A 120 -2.07 -22.35 8.61
CA GLN A 120 -2.50 -22.69 7.26
C GLN A 120 -3.90 -23.27 7.25
N ASP A 121 -4.13 -24.28 8.09
CA ASP A 121 -5.43 -24.92 8.20
C ASP A 121 -6.49 -23.93 8.67
N LEU A 122 -6.19 -23.22 9.76
CA LEU A 122 -7.10 -22.24 10.32
C LEU A 122 -7.59 -21.30 9.24
N LEU A 123 -6.66 -20.80 8.42
CA LEU A 123 -7.03 -19.92 7.33
C LEU A 123 -7.75 -20.68 6.21
N LYS A 124 -7.29 -21.88 5.88
CA LYS A 124 -7.95 -22.64 4.82
C LYS A 124 -9.41 -22.90 5.17
N LYS A 125 -9.68 -23.27 6.43
CA LYS A 125 -11.05 -23.52 6.85
C LYS A 125 -11.86 -22.23 6.80
N ALA A 126 -11.29 -21.17 7.35
CA ALA A 126 -11.92 -19.86 7.25
C ALA A 126 -12.33 -19.57 5.81
N SER A 127 -11.40 -19.81 4.87
CA SER A 127 -11.70 -19.52 3.47
C SER A 127 -12.79 -20.42 2.95
N GLU A 128 -12.95 -21.58 3.55
CA GLU A 128 -13.91 -22.55 3.08
C GLU A 128 -15.28 -22.38 3.70
N GLU A 129 -15.42 -21.63 4.80
CA GLU A 129 -16.74 -21.29 5.34
C GLU A 129 -17.57 -20.55 4.29
N ASP A 130 -18.81 -20.20 4.62
CA ASP A 130 -19.69 -19.44 3.74
C ASP A 130 -19.81 -18.01 4.24
N HIS A 131 -19.47 -17.07 3.37
CA HIS A 131 -19.43 -15.67 3.75
C HIS A 131 -20.51 -14.85 3.09
N THR A 132 -21.55 -15.51 2.58
CA THR A 132 -22.58 -14.84 1.78
C THR A 132 -23.23 -13.71 2.55
N ASN A 133 -23.38 -13.88 3.85
CA ASN A 133 -24.05 -12.92 4.70
C ASN A 133 -23.08 -12.04 5.46
N ALA A 134 -21.79 -12.11 5.11
CA ALA A 134 -20.73 -11.27 5.64
C ALA A 134 -20.35 -10.11 4.69
N ALA A 135 -20.03 -8.93 5.25
CA ALA A 135 -19.51 -7.83 4.41
C ALA A 135 -18.03 -8.03 4.04
N CYS A 136 -17.24 -8.57 4.94
CA CYS A 136 -15.80 -8.61 4.73
C CYS A 136 -15.21 -9.65 5.67
N PHE A 137 -13.89 -9.77 5.62
CA PHE A 137 -13.13 -10.71 6.42
C PHE A 137 -11.89 -10.03 6.93
N ALA A 138 -11.53 -10.29 8.18
CA ALA A 138 -10.35 -9.70 8.76
C ALA A 138 -9.53 -10.81 9.39
N CYS A 139 -8.24 -10.78 9.14
CA CYS A 139 -7.31 -11.63 9.84
C CYS A 139 -6.20 -10.76 10.42
N ILE A 140 -5.85 -11.00 11.69
CA ILE A 140 -4.79 -10.27 12.38
C ILE A 140 -3.73 -11.24 12.84
N LEU A 141 -2.48 -11.00 12.48
CA LEU A 141 -1.33 -11.86 12.82
C LEU A 141 -0.38 -11.12 13.75
N LEU A 142 -0.20 -11.62 14.95
CA LEU A 142 0.81 -11.11 15.86
C LEU A 142 1.88 -12.20 16.04
N SER A 143 3.13 -11.92 15.66
CA SER A 143 4.18 -12.96 15.69
C SER A 143 5.55 -12.32 15.51
N HIS A 144 6.56 -13.16 15.30
CA HIS A 144 7.82 -12.77 14.69
C HIS A 144 7.75 -12.91 13.17
N GLY A 145 8.71 -12.30 12.46
CA GLY A 145 8.72 -12.44 11.01
C GLY A 145 9.81 -11.74 10.22
N GLU A 146 10.47 -12.51 9.35
CA GLU A 146 11.43 -12.02 8.35
C GLU A 146 10.68 -11.43 7.16
N GLU A 147 11.43 -11.01 6.14
CA GLU A 147 10.82 -10.41 4.95
C GLU A 147 9.91 -11.44 4.26
N ASN A 148 8.66 -11.05 4.01
CA ASN A 148 7.65 -11.82 3.26
C ASN A 148 7.20 -13.11 3.94
N VAL A 149 7.60 -13.38 5.20
CA VAL A 149 7.26 -14.64 5.87
C VAL A 149 6.90 -14.40 7.35
N ILE A 150 5.95 -15.19 7.84
CA ILE A 150 5.52 -15.16 9.24
C ILE A 150 5.98 -16.44 9.96
N TYR A 151 5.82 -16.44 11.28
CA TYR A 151 6.32 -17.48 12.17
C TYR A 151 5.18 -18.16 12.92
N GLY A 152 5.11 -19.49 12.78
CA GLY A 152 4.37 -20.32 13.70
C GLY A 152 5.21 -20.67 14.92
N LYS A 153 4.68 -21.55 15.76
CA LYS A 153 5.50 -22.11 16.83
C LYS A 153 6.60 -23.00 16.24
N ASP A 154 6.27 -23.77 15.19
CA ASP A 154 7.11 -24.85 14.65
C ASP A 154 7.80 -24.48 13.33
N GLY A 155 8.17 -23.21 13.14
CA GLY A 155 8.84 -22.84 11.89
C GLY A 155 8.34 -21.59 11.21
N VAL A 156 8.51 -21.52 9.89
CA VAL A 156 8.08 -20.38 9.09
C VAL A 156 7.03 -20.79 8.06
N THR A 157 6.04 -19.91 7.88
CA THR A 157 4.97 -19.96 6.88
C THR A 157 5.02 -18.68 6.08
N PRO A 158 4.92 -18.74 4.76
CA PRO A 158 4.88 -17.51 3.96
C PRO A 158 3.52 -16.82 4.03
N ILE A 159 3.54 -15.50 4.19
CA ILE A 159 2.31 -14.72 4.25
C ILE A 159 1.52 -14.84 2.96
N LYS A 160 2.21 -14.89 1.82
CA LYS A 160 1.54 -15.20 0.56
C LYS A 160 0.65 -16.42 0.69
N ASP A 161 1.11 -17.43 1.44
CA ASP A 161 0.39 -18.70 1.47
C ASP A 161 -0.89 -18.58 2.28
N LEU A 162 -0.86 -17.81 3.37
CA LEU A 162 -2.06 -17.63 4.18
C LEU A 162 -3.14 -16.90 3.41
N THR A 163 -2.77 -15.81 2.74
CA THR A 163 -3.74 -15.00 2.01
C THR A 163 -4.32 -15.73 0.81
N ALA A 164 -3.55 -16.63 0.20
CA ALA A 164 -3.95 -17.22 -1.08
C ALA A 164 -5.29 -17.95 -0.99
N HIS A 165 -5.65 -18.44 0.19
CA HIS A 165 -6.94 -19.11 0.35
C HIS A 165 -8.13 -18.21 0.07
N PHE A 166 -7.92 -16.89 0.03
CA PHE A 166 -9.04 -15.99 -0.08
C PHE A 166 -9.07 -15.29 -1.40
N ARG A 167 -8.13 -15.62 -2.28
CA ARG A 167 -8.16 -14.98 -3.59
C ARG A 167 -9.49 -15.26 -4.28
N GLY A 168 -9.84 -14.35 -5.19
CA GLY A 168 -11.12 -14.43 -5.87
C GLY A 168 -11.40 -15.83 -6.42
N ASP A 169 -10.37 -16.49 -6.93
CA ASP A 169 -10.48 -17.82 -7.49
C ASP A 169 -10.71 -18.94 -6.46
N ARG A 170 -10.57 -18.70 -5.15
CA ARG A 170 -10.66 -19.80 -4.18
C ARG A 170 -11.68 -19.57 -3.08
N CYS A 171 -12.39 -18.47 -3.11
CA CYS A 171 -13.32 -18.20 -2.06
C CYS A 171 -14.45 -17.37 -2.64
N LYS A 172 -15.29 -18.01 -3.46
CA LYS A 172 -16.30 -17.29 -4.25
C LYS A 172 -17.16 -16.41 -3.36
N THR A 173 -17.32 -16.79 -2.11
CA THR A 173 -18.25 -16.11 -1.24
C THR A 173 -17.70 -14.83 -0.64
N LEU A 174 -16.40 -14.56 -0.78
CA LEU A 174 -15.81 -13.28 -0.40
C LEU A 174 -15.49 -12.42 -1.61
N LEU A 175 -15.70 -12.93 -2.83
CA LEU A 175 -15.43 -12.17 -4.04
C LEU A 175 -16.08 -10.79 -3.95
N GLU A 176 -15.36 -9.76 -4.38
CA GLU A 176 -15.81 -8.38 -4.42
C GLU A 176 -16.04 -7.81 -3.03
N LYS A 177 -15.46 -8.46 -2.01
CA LYS A 177 -15.54 -7.97 -0.64
C LYS A 177 -14.15 -7.79 -0.05
N PRO A 178 -13.99 -6.82 0.86
CA PRO A 178 -12.68 -6.58 1.48
C PRO A 178 -12.16 -7.81 2.21
N LYS A 179 -10.88 -8.08 2.00
CA LYS A 179 -10.14 -9.05 2.78
C LYS A 179 -8.99 -8.26 3.39
N LEU A 180 -8.99 -8.14 4.72
CA LEU A 180 -8.10 -7.25 5.45
C LEU A 180 -7.18 -8.10 6.30
N PHE A 181 -5.88 -7.94 6.12
CA PHE A 181 -4.85 -8.59 6.93
C PHE A 181 -4.08 -7.53 7.68
N PHE A 182 -4.02 -7.67 9.00
CA PHE A 182 -3.25 -6.78 9.84
C PHE A 182 -2.11 -7.61 10.38
N ILE A 183 -0.88 -7.20 10.11
CA ILE A 183 0.27 -8.01 10.46
C ILE A 183 1.23 -7.17 11.28
N GLN A 184 1.57 -7.62 12.48
CA GLN A 184 2.70 -7.00 13.19
C GLN A 184 3.75 -8.05 13.54
N ALA A 185 4.99 -7.82 13.11
CA ALA A 185 6.02 -8.87 13.08
C ALA A 185 7.37 -8.29 13.50
N CYS A 186 7.78 -8.61 14.75
CA CYS A 186 9.08 -8.27 15.36
C CYS A 186 10.30 -8.67 14.49
N LYS A 212 -14.11 -12.56 -14.76
CA LYS A 212 -14.49 -11.17 -15.05
C LYS A 212 -13.85 -10.16 -14.07
N ILE A 213 -13.41 -10.69 -12.91
CA ILE A 213 -12.74 -9.96 -11.83
C ILE A 213 -11.39 -10.58 -11.53
N PRO A 214 -10.34 -9.79 -11.29
CA PRO A 214 -9.01 -10.36 -11.06
C PRO A 214 -8.85 -10.91 -9.64
N VAL A 215 -7.89 -11.83 -9.51
CA VAL A 215 -7.81 -12.65 -8.30
C VAL A 215 -7.19 -11.94 -7.11
N GLU A 216 -6.54 -10.80 -7.32
CA GLU A 216 -5.86 -10.12 -6.23
C GLU A 216 -6.61 -8.88 -5.80
N ALA A 217 -7.72 -8.57 -6.43
CA ALA A 217 -8.49 -7.42 -6.04
C ALA A 217 -9.02 -7.56 -4.61
N ASP A 218 -9.19 -6.41 -3.96
CA ASP A 218 -9.92 -6.28 -2.72
C ASP A 218 -9.19 -6.82 -1.50
N PHE A 219 -7.87 -7.00 -1.57
CA PHE A 219 -7.12 -7.26 -0.35
C PHE A 219 -6.52 -5.95 0.15
N LEU A 220 -6.41 -5.82 1.46
CA LEU A 220 -5.62 -4.74 2.05
C LEU A 220 -4.73 -5.35 3.10
N PHE A 221 -3.48 -4.89 3.16
CA PHE A 221 -2.54 -5.30 4.21
C PHE A 221 -2.11 -4.06 4.95
N ALA A 222 -2.02 -4.16 6.27
CA ALA A 222 -1.43 -3.12 7.09
C ALA A 222 -0.32 -3.77 7.90
N TYR A 223 0.95 -3.55 7.52
CA TYR A 223 2.05 -4.02 8.36
C TYR A 223 2.49 -2.94 9.32
N SER A 224 3.14 -3.35 10.40
CA SER A 224 3.82 -2.43 11.32
C SER A 224 5.32 -2.63 11.09
N THR A 225 5.85 -1.91 10.07
CA THR A 225 7.28 -1.90 9.65
C THR A 225 7.39 -1.45 8.18
N SER A 231 7.61 -2.26 14.03
CA SER A 231 7.99 -3.63 14.24
C SER A 231 8.65 -3.82 15.60
N TRP A 232 8.08 -3.15 16.60
CA TRP A 232 8.56 -3.24 17.98
C TRP A 232 7.44 -3.19 18.98
N ARG A 233 7.60 -4.09 19.96
CA ARG A 233 6.68 -4.39 21.02
C ARG A 233 7.27 -4.01 22.37
N SER A 234 6.46 -3.35 23.19
CA SER A 234 6.70 -2.84 24.53
C SER A 234 6.18 -3.98 25.41
N PRO A 235 6.79 -4.38 26.52
CA PRO A 235 6.11 -5.43 27.30
C PRO A 235 4.92 -5.00 28.14
N GLY A 236 4.84 -3.76 28.63
CA GLY A 236 3.67 -3.50 29.45
C GLY A 236 2.52 -2.79 28.75
N ARG A 237 2.80 -2.02 27.69
CA ARG A 237 1.74 -1.32 26.97
C ARG A 237 1.37 -1.97 25.64
N GLY A 238 2.24 -2.76 25.06
CA GLY A 238 1.96 -3.38 23.79
C GLY A 238 2.75 -2.77 22.66
N SER A 239 2.22 -2.95 21.46
CA SER A 239 2.82 -2.45 20.24
C SER A 239 2.32 -1.05 19.93
N TRP A 240 3.28 -0.15 19.71
CA TRP A 240 3.00 1.23 19.34
C TRP A 240 1.89 1.24 18.30
N PHE A 241 2.04 0.31 17.35
CA PHE A 241 1.08 0.11 16.27
C PHE A 241 -0.30 -0.27 16.81
N VAL A 242 -0.36 -1.23 17.74
CA VAL A 242 -1.67 -1.69 18.19
C VAL A 242 -2.41 -0.62 18.98
N GLN A 243 -1.75 0.04 19.91
CA GLN A 243 -2.45 1.09 20.65
C GLN A 243 -2.97 2.19 19.75
N ALA A 244 -2.19 2.56 18.73
CA ALA A 244 -2.70 3.62 17.85
C ALA A 244 -3.89 3.11 17.06
N LEU A 245 -3.76 1.91 16.46
CA LEU A 245 -4.84 1.36 15.64
C LEU A 245 -6.11 1.16 16.47
N CYS A 246 -5.94 0.78 17.72
CA CYS A 246 -7.09 0.53 18.57
C CYS A 246 -7.73 1.84 18.99
N SER A 247 -6.93 2.77 19.50
CA SER A 247 -7.44 4.08 19.89
C SER A 247 -8.19 4.76 18.73
N ILE A 248 -7.58 4.77 17.54
CA ILE A 248 -8.22 5.42 16.40
C ILE A 248 -9.50 4.69 16.02
N LEU A 249 -9.49 3.36 16.09
CA LEU A 249 -10.70 2.64 15.73
C LEU A 249 -11.81 2.85 16.75
N GLU A 250 -11.48 2.87 18.03
CA GLU A 250 -12.54 3.13 19.00
C GLU A 250 -13.12 4.50 18.76
N GLU A 251 -12.25 5.48 18.48
CA GLU A 251 -12.69 6.85 18.27
C GLU A 251 -13.38 7.03 16.90
N HIS A 252 -12.80 6.51 15.80
CA HIS A 252 -13.33 6.84 14.47
C HIS A 252 -13.71 5.64 13.62
N GLY A 253 -13.82 4.46 14.21
CA GLY A 253 -14.16 3.27 13.46
C GLY A 253 -15.39 3.36 12.59
N LYS A 254 -16.34 4.26 12.91
CA LYS A 254 -17.60 4.28 12.19
C LYS A 254 -17.74 5.42 11.19
N ASP A 255 -16.91 6.46 11.28
CA ASP A 255 -17.03 7.63 10.40
C ASP A 255 -15.83 7.85 9.47
N LEU A 256 -14.75 7.08 9.57
CA LEU A 256 -13.58 7.28 8.72
C LEU A 256 -13.39 6.10 7.79
N GLU A 257 -12.96 6.38 6.57
CA GLU A 257 -12.62 5.33 5.62
C GLU A 257 -11.35 4.62 6.07
N ILE A 258 -11.18 3.37 5.62
CA ILE A 258 -10.10 2.52 6.12
C ILE A 258 -8.73 3.17 5.91
N MET A 259 -8.55 3.88 4.79
CA MET A 259 -7.26 4.51 4.48
C MET A 259 -7.01 5.75 5.31
N GLN A 260 -8.08 6.44 5.69
CA GLN A 260 -7.95 7.53 6.65
C GLN A 260 -7.50 7.02 8.00
N ILE A 261 -8.22 6.03 8.53
CA ILE A 261 -7.85 5.41 9.81
C ILE A 261 -6.40 4.96 9.76
N LEU A 262 -6.04 4.20 8.73
CA LEU A 262 -4.68 3.73 8.69
C LEU A 262 -3.68 4.88 8.57
N THR A 263 -3.98 5.89 7.74
CA THR A 263 -3.05 7.01 7.62
C THR A 263 -2.86 7.71 8.97
N ARG A 264 -3.93 7.89 9.75
CA ARG A 264 -3.74 8.48 11.07
C ARG A 264 -2.97 7.55 12.00
N VAL A 265 -3.11 6.23 11.84
CA VAL A 265 -2.25 5.33 12.59
C VAL A 265 -0.80 5.54 12.18
N ASN A 266 -0.52 5.57 10.87
CA ASN A 266 0.83 5.84 10.40
C ASN A 266 1.40 7.07 11.08
N ASP A 267 0.60 8.13 11.16
CA ASP A 267 1.10 9.36 11.75
C ASP A 267 1.41 9.19 13.25
N ARG A 268 0.47 8.62 14.01
CA ARG A 268 0.67 8.49 15.46
C ARG A 268 1.84 7.59 15.81
N VAL A 269 2.15 6.60 14.98
CA VAL A 269 3.26 5.72 15.29
C VAL A 269 4.59 6.42 14.99
N ALA A 270 4.61 7.23 13.95
CA ALA A 270 5.84 7.92 13.61
C ALA A 270 6.10 9.06 14.58
N ARG A 271 5.05 9.82 14.92
CA ARG A 271 5.23 10.99 15.76
C ARG A 271 5.34 10.68 17.24
N HIS A 272 4.60 9.72 17.76
CA HIS A 272 4.61 9.71 19.22
C HIS A 272 5.55 8.71 19.82
N PHE A 273 5.91 7.65 19.12
CA PHE A 273 6.73 6.70 19.84
C PHE A 273 8.07 6.73 19.10
N LYS A 286 12.72 4.12 16.02
CA LYS A 286 11.82 4.94 15.21
C LYS A 286 11.52 4.28 13.82
N GLN A 287 10.32 3.70 13.63
CA GLN A 287 9.92 3.15 12.33
C GLN A 287 8.42 3.40 12.09
N ILE A 288 8.00 3.30 10.82
CA ILE A 288 6.63 3.63 10.40
C ILE A 288 5.91 2.42 9.79
N PRO A 289 4.58 2.29 9.95
CA PRO A 289 3.88 1.20 9.27
C PRO A 289 3.75 1.40 7.77
N CYS A 290 3.11 0.45 7.14
CA CYS A 290 3.07 0.34 5.69
C CYS A 290 1.70 -0.24 5.34
N VAL A 291 0.96 0.41 4.47
CA VAL A 291 -0.35 -0.09 4.01
C VAL A 291 -0.20 -0.54 2.58
N VAL A 292 -0.57 -1.77 2.28
CA VAL A 292 -0.65 -2.20 0.89
C VAL A 292 -2.12 -2.39 0.55
N SER A 293 -2.60 -1.66 -0.44
CA SER A 293 -4.02 -1.69 -0.75
C SER A 293 -4.24 -2.12 -2.18
N MET A 294 -5.00 -3.20 -2.36
CA MET A 294 -5.63 -3.52 -3.62
C MET A 294 -7.13 -3.30 -3.54
N LEU A 295 -7.60 -2.47 -2.60
CA LEU A 295 -9.02 -2.23 -2.53
C LEU A 295 -9.51 -1.54 -3.82
N THR A 296 -10.80 -1.67 -4.09
CA THR A 296 -11.39 -1.06 -5.27
C THR A 296 -12.54 -0.14 -4.90
N LYS A 297 -12.85 0.01 -3.62
CA LYS A 297 -13.88 0.91 -3.18
C LYS A 297 -13.43 1.54 -1.86
N GLU A 298 -14.18 2.52 -1.40
CA GLU A 298 -13.91 2.99 -0.06
C GLU A 298 -14.49 2.00 0.95
N LEU A 299 -13.84 1.89 2.08
CA LEU A 299 -14.27 0.94 3.09
C LEU A 299 -14.62 1.72 4.35
N TYR A 300 -15.91 1.75 4.66
CA TYR A 300 -16.39 2.22 5.95
C TYR A 300 -17.03 1.04 6.67
N PHE A 301 -16.84 0.99 7.98
CA PHE A 301 -17.42 -0.05 8.81
C PHE A 301 -18.83 0.35 9.28
N SER A 302 -19.67 0.81 8.36
CA SER A 302 -21.05 1.19 8.65
C SER A 302 -21.80 1.32 7.33
N GLN A 303 -23.14 1.17 7.40
CA GLN A 303 -24.05 1.31 6.24
C GLN A 303 -24.94 2.56 6.35
N THR B 50 -20.41 7.30 5.24
CA THR B 50 -21.03 7.96 4.08
C THR B 50 -20.05 8.82 3.23
N THR B 51 -20.28 10.13 3.06
CA THR B 51 -19.44 11.02 2.24
C THR B 51 -18.71 12.05 3.10
N ARG B 52 -17.53 12.52 2.63
CA ARG B 52 -16.75 13.47 3.43
C ARG B 52 -16.32 14.69 2.61
N ASP B 53 -16.09 15.78 3.34
CA ASP B 53 -15.62 17.09 2.89
C ASP B 53 -14.36 17.41 3.71
N ARG B 54 -13.74 18.57 3.47
CA ARG B 54 -12.52 18.91 4.22
C ARG B 54 -12.55 20.34 4.75
N THR B 57 -5.28 20.09 9.78
CA THR B 57 -4.14 19.54 10.52
C THR B 57 -4.06 17.99 10.33
N TYR B 58 -4.91 17.49 9.42
CA TYR B 58 -4.93 16.10 8.99
C TYR B 58 -4.56 15.99 7.54
N GLN B 59 -4.49 17.12 6.87
CA GLN B 59 -4.11 17.24 5.48
C GLN B 59 -2.64 17.64 5.40
N TYR B 60 -2.01 17.29 4.30
CA TYR B 60 -0.71 17.84 4.03
C TYR B 60 -0.84 19.32 3.70
N ASN B 61 0.04 20.10 4.28
CA ASN B 61 0.18 21.51 4.00
C ASN B 61 0.38 21.75 2.50
N MET B 62 -0.51 22.52 1.90
CA MET B 62 -0.40 22.88 0.49
C MET B 62 0.00 24.34 0.27
N ASN B 63 0.37 25.08 1.31
CA ASN B 63 0.66 26.51 1.14
C ASN B 63 2.15 26.68 0.83
N PHE B 64 2.47 26.42 -0.44
CA PHE B 64 3.81 26.60 -0.97
C PHE B 64 3.71 27.28 -2.32
N GLU B 65 4.77 28.00 -2.68
CA GLU B 65 4.94 28.54 -4.02
C GLU B 65 4.55 27.46 -5.05
N LYS B 66 5.29 26.37 -5.05
CA LYS B 66 5.14 25.31 -6.04
C LYS B 66 4.48 24.07 -5.46
N LEU B 67 3.72 23.38 -6.33
CA LEU B 67 3.24 22.06 -5.95
C LEU B 67 4.39 21.07 -5.86
N GLY B 68 5.30 21.11 -6.84
CA GLY B 68 6.53 20.36 -6.80
C GLY B 68 6.97 19.91 -8.19
N LYS B 69 8.16 19.31 -8.21
CA LYS B 69 8.70 18.65 -9.39
C LYS B 69 7.92 17.38 -9.72
N CYS B 70 7.88 17.02 -11.00
CA CYS B 70 7.37 15.70 -11.40
C CYS B 70 8.29 15.11 -12.46
N ILE B 71 9.12 14.14 -12.07
CA ILE B 71 10.09 13.54 -12.99
C ILE B 71 9.49 12.30 -13.66
N ILE B 72 9.37 12.34 -14.99
CA ILE B 72 8.89 11.20 -15.78
C ILE B 72 10.08 10.58 -16.51
N ILE B 73 10.29 9.28 -16.35
CA ILE B 73 11.31 8.52 -17.06
C ILE B 73 10.63 7.61 -18.07
N ASN B 74 10.80 7.88 -19.35
CA ASN B 74 10.07 7.18 -20.40
C ASN B 74 11.06 6.31 -21.18
N ASN B 75 11.25 5.08 -20.68
CA ASN B 75 12.12 4.08 -21.31
C ASN B 75 11.33 3.26 -22.33
N LYS B 76 11.62 3.50 -23.61
CA LYS B 76 11.01 2.81 -24.75
C LYS B 76 11.94 1.80 -25.42
N ASN B 77 13.23 2.10 -25.47
CA ASN B 77 14.18 1.34 -26.28
C ASN B 77 15.33 0.86 -25.42
N PHE B 78 15.62 -0.44 -25.51
CA PHE B 78 16.62 -1.11 -24.68
C PHE B 78 17.71 -1.72 -25.56
N ASP B 79 18.95 -1.71 -25.03
CA ASP B 79 20.07 -2.39 -25.69
C ASP B 79 19.70 -3.87 -25.95
N LYS B 80 20.19 -4.41 -27.07
CA LYS B 80 19.83 -5.79 -27.43
C LYS B 80 20.25 -6.78 -26.34
N VAL B 81 21.45 -6.60 -25.76
CA VAL B 81 21.95 -7.54 -24.76
C VAL B 81 21.00 -7.73 -23.60
N THR B 82 20.11 -6.76 -23.34
CA THR B 82 19.14 -7.03 -22.27
C THR B 82 18.07 -8.02 -22.68
N GLY B 83 17.96 -8.36 -23.97
CA GLY B 83 16.85 -9.16 -24.43
C GLY B 83 15.47 -8.52 -24.31
N MET B 84 15.39 -7.28 -23.81
CA MET B 84 14.11 -6.58 -23.66
C MET B 84 13.68 -5.90 -24.96
N GLY B 85 12.37 -5.94 -25.22
CA GLY B 85 11.83 -5.42 -26.44
C GLY B 85 11.29 -4.00 -26.33
N VAL B 86 11.14 -3.36 -27.49
CA VAL B 86 10.67 -1.99 -27.50
C VAL B 86 9.32 -1.99 -26.82
N ARG B 87 9.05 -0.94 -26.03
CA ARG B 87 7.79 -0.88 -25.30
C ARG B 87 6.81 -0.02 -26.07
N ASN B 88 6.30 -0.57 -27.17
CA ASN B 88 5.32 0.16 -27.98
C ASN B 88 4.17 0.61 -27.10
N GLY B 89 3.74 1.87 -27.27
CA GLY B 89 2.71 2.45 -26.46
C GLY B 89 3.20 3.41 -25.37
N THR B 90 4.48 3.38 -25.03
CA THR B 90 4.88 4.14 -23.85
C THR B 90 4.99 5.63 -24.14
N ASP B 91 5.37 6.02 -25.37
CA ASP B 91 5.30 7.43 -25.71
C ASP B 91 3.91 7.98 -25.44
N LYS B 92 2.89 7.18 -25.74
CA LYS B 92 1.56 7.75 -25.59
C LYS B 92 1.21 7.89 -24.11
N ASP B 93 1.64 6.92 -23.28
CA ASP B 93 1.54 7.03 -21.82
C ASP B 93 2.25 8.25 -21.28
N ALA B 94 3.52 8.45 -21.68
CA ALA B 94 4.29 9.57 -21.13
C ALA B 94 3.64 10.89 -21.48
N GLU B 95 2.96 10.95 -22.62
CA GLU B 95 2.29 12.18 -23.04
C GLU B 95 1.10 12.48 -22.18
N ALA B 96 0.24 11.48 -21.98
CA ALA B 96 -0.91 11.69 -21.13
C ALA B 96 -0.46 12.09 -19.74
N LEU B 97 0.57 11.41 -19.22
CA LEU B 97 1.03 11.70 -17.88
C LEU B 97 1.58 13.12 -17.77
N PHE B 98 2.43 13.51 -18.71
CA PHE B 98 2.94 14.89 -18.72
C PHE B 98 1.79 15.90 -18.68
N LYS B 99 0.74 15.71 -19.50
CA LYS B 99 -0.41 16.59 -19.46
C LYS B 99 -1.18 16.49 -18.12
N CYS B 100 -1.50 15.28 -17.64
CA CYS B 100 -2.16 15.16 -16.33
C CYS B 100 -1.41 15.92 -15.26
N PHE B 101 -0.10 15.68 -15.16
CA PHE B 101 0.61 16.22 -14.01
C PHE B 101 0.89 17.72 -14.15
N ARG B 102 1.10 18.20 -15.38
CA ARG B 102 1.24 19.64 -15.60
C ARG B 102 -0.05 20.33 -15.20
N SER B 103 -1.16 19.80 -15.70
CA SER B 103 -2.48 20.32 -15.37
C SER B 103 -2.72 20.36 -13.86
N LEU B 104 -2.09 19.47 -13.10
CA LEU B 104 -2.28 19.49 -11.65
C LEU B 104 -1.54 20.62 -10.98
N GLY B 105 -0.46 21.10 -11.59
CA GLY B 105 0.43 22.03 -10.90
C GLY B 105 1.88 21.63 -10.82
N PHE B 106 2.28 20.48 -11.40
CA PHE B 106 3.66 19.99 -11.27
C PHE B 106 4.56 20.66 -12.30
N ASP B 107 5.80 20.98 -11.91
CA ASP B 107 6.84 21.27 -12.91
C ASP B 107 7.28 19.93 -13.51
N VAL B 108 6.77 19.59 -14.67
CA VAL B 108 6.99 18.26 -15.23
C VAL B 108 8.23 18.28 -16.12
N ILE B 109 9.05 17.25 -16.01
CA ILE B 109 10.23 17.00 -16.84
C ILE B 109 10.17 15.56 -17.37
N VAL B 110 10.46 15.37 -18.66
CA VAL B 110 10.42 14.03 -19.23
C VAL B 110 11.81 13.61 -19.75
N TYR B 111 12.35 12.50 -19.23
CA TYR B 111 13.57 11.89 -19.72
C TYR B 111 13.25 10.65 -20.54
N ASN B 112 14.17 10.26 -21.45
CA ASN B 112 13.85 9.20 -22.42
C ASN B 112 15.01 8.24 -22.70
N ASP B 113 14.70 6.95 -22.77
CA ASP B 113 15.70 5.91 -23.04
C ASP B 113 16.92 6.07 -22.15
N CYS B 114 16.71 6.09 -20.83
CA CYS B 114 17.76 6.33 -19.85
C CYS B 114 18.53 5.09 -19.47
N SER B 115 19.85 5.25 -19.31
CA SER B 115 20.64 4.20 -18.68
C SER B 115 20.39 4.13 -17.16
N CYS B 116 20.85 3.03 -16.56
CA CYS B 116 20.73 2.89 -15.11
C CYS B 116 21.51 3.98 -14.38
N ALA B 117 22.71 4.31 -14.86
CA ALA B 117 23.43 5.38 -14.19
C ALA B 117 22.72 6.70 -14.34
N LYS B 118 22.18 6.99 -15.55
CA LYS B 118 21.43 8.23 -15.72
C LYS B 118 20.25 8.25 -14.77
N MET B 119 19.51 7.14 -14.68
CA MET B 119 18.36 7.13 -13.80
C MET B 119 18.78 7.38 -12.37
N GLN B 120 19.86 6.75 -11.94
CA GLN B 120 20.31 6.96 -10.56
C GLN B 120 20.77 8.39 -10.35
N ASP B 121 21.35 9.01 -11.38
CA ASP B 121 21.99 10.29 -11.17
C ASP B 121 20.96 11.42 -11.13
N LEU B 122 19.99 11.37 -12.04
CA LEU B 122 19.03 12.45 -12.07
C LEU B 122 18.15 12.41 -10.84
N LEU B 123 17.90 11.21 -10.29
CA LEU B 123 17.15 11.13 -9.04
C LEU B 123 17.97 11.66 -7.88
N LYS B 124 19.23 11.23 -7.77
CA LYS B 124 20.10 11.72 -6.70
C LYS B 124 20.20 13.25 -6.73
N LYS B 125 20.43 13.82 -7.92
CA LYS B 125 20.56 15.26 -8.07
C LYS B 125 19.25 15.95 -7.75
N ALA B 126 18.13 15.37 -8.17
CA ALA B 126 16.83 15.96 -7.79
C ALA B 126 16.66 15.97 -6.27
N SER B 127 17.13 14.91 -5.59
CA SER B 127 17.05 14.85 -4.13
C SER B 127 17.92 15.90 -3.47
N GLU B 128 18.94 16.41 -4.17
CA GLU B 128 19.85 17.42 -3.66
C GLU B 128 19.43 18.85 -3.98
N GLU B 129 18.47 19.05 -4.87
CA GLU B 129 17.93 20.38 -5.09
C GLU B 129 17.21 20.86 -3.83
N ASP B 130 16.80 22.14 -3.86
CA ASP B 130 16.15 22.79 -2.74
C ASP B 130 14.65 22.76 -2.99
N HIS B 131 13.94 21.94 -2.21
CA HIS B 131 12.49 21.79 -2.36
C HIS B 131 11.73 22.58 -1.34
N THR B 132 12.42 23.48 -0.61
CA THR B 132 11.78 24.24 0.48
C THR B 132 10.49 24.91 0.03
N ASN B 133 10.35 25.21 -1.25
CA ASN B 133 9.20 25.99 -1.68
C ASN B 133 8.20 25.16 -2.45
N ALA B 134 8.35 23.83 -2.35
CA ALA B 134 7.50 22.85 -3.02
C ALA B 134 6.70 22.08 -1.98
N ALA B 135 5.44 21.76 -2.31
CA ALA B 135 4.61 21.01 -1.37
C ALA B 135 4.92 19.52 -1.37
N CYS B 136 5.37 18.99 -2.49
CA CYS B 136 5.54 17.54 -2.61
C CYS B 136 6.48 17.27 -3.76
N PHE B 137 6.70 15.99 -4.02
CA PHE B 137 7.57 15.57 -5.11
C PHE B 137 6.96 14.35 -5.78
N ALA B 138 7.19 14.20 -7.06
CA ALA B 138 6.61 13.06 -7.74
C ALA B 138 7.61 12.53 -8.76
N CYS B 139 7.68 11.22 -8.86
CA CYS B 139 8.49 10.61 -9.90
C CYS B 139 7.65 9.52 -10.56
N ILE B 140 7.76 9.39 -11.87
CA ILE B 140 6.98 8.39 -12.63
C ILE B 140 7.93 7.59 -13.50
N LEU B 141 7.98 6.27 -13.27
CA LEU B 141 8.86 5.37 -14.00
C LEU B 141 8.07 4.50 -14.98
N LEU B 142 8.34 4.65 -16.28
CA LEU B 142 7.78 3.80 -17.34
C LEU B 142 8.90 2.96 -17.95
N SER B 143 8.86 1.64 -17.74
CA SER B 143 9.93 0.79 -18.23
C SER B 143 9.51 -0.66 -18.11
N HIS B 144 10.44 -1.55 -18.48
CA HIS B 144 10.36 -2.95 -18.07
C HIS B 144 10.71 -3.11 -16.60
N GLY B 145 10.08 -4.09 -15.95
CA GLY B 145 10.39 -4.32 -14.56
C GLY B 145 10.24 -5.78 -14.21
N GLU B 146 10.87 -6.15 -13.11
CA GLU B 146 10.84 -7.48 -12.50
C GLU B 146 10.76 -7.25 -11.00
N GLU B 147 10.72 -8.30 -10.23
CA GLU B 147 10.56 -8.15 -8.79
C GLU B 147 11.57 -7.20 -8.17
N ASN B 148 11.13 -6.05 -7.68
CA ASN B 148 12.02 -5.07 -7.03
C ASN B 148 12.93 -4.27 -7.94
N VAL B 149 12.94 -4.53 -9.25
CA VAL B 149 13.92 -3.88 -10.11
C VAL B 149 13.21 -3.22 -11.26
N ILE B 150 13.88 -2.23 -11.85
CA ILE B 150 13.47 -1.52 -13.04
C ILE B 150 14.61 -1.52 -14.05
N TYR B 151 14.26 -1.45 -15.32
CA TYR B 151 15.22 -1.54 -16.40
C TYR B 151 15.60 -0.15 -16.90
N GLY B 152 16.90 0.14 -16.88
CA GLY B 152 17.47 1.15 -17.74
C GLY B 152 17.65 0.59 -19.14
N LYS B 153 18.21 1.43 -20.04
CA LYS B 153 18.42 0.93 -21.41
C LYS B 153 19.47 -0.19 -21.43
N ASP B 154 20.27 -0.28 -20.36
CA ASP B 154 21.44 -1.15 -20.35
C ASP B 154 21.45 -2.18 -19.22
N GLY B 155 20.36 -2.37 -18.48
CA GLY B 155 20.42 -3.21 -17.31
C GLY B 155 19.31 -2.95 -16.33
N VAL B 156 19.41 -3.59 -15.15
CA VAL B 156 18.42 -3.44 -14.11
C VAL B 156 19.04 -2.78 -12.90
N THR B 157 18.20 -2.01 -12.21
CA THR B 157 18.63 -1.32 -11.06
C THR B 157 17.49 -1.46 -10.05
N PRO B 158 17.83 -1.69 -8.79
CA PRO B 158 16.80 -1.85 -7.75
C PRO B 158 15.99 -0.56 -7.54
N ILE B 159 14.66 -0.69 -7.65
CA ILE B 159 13.75 0.40 -7.31
C ILE B 159 14.05 1.01 -5.96
N LYS B 160 14.44 0.19 -4.97
CA LYS B 160 14.71 0.74 -3.66
C LYS B 160 15.89 1.72 -3.71
N ASP B 161 16.92 1.41 -4.51
CA ASP B 161 18.05 2.32 -4.59
C ASP B 161 17.67 3.65 -5.25
N LEU B 162 16.71 3.64 -6.18
CA LEU B 162 16.24 4.87 -6.82
C LEU B 162 15.46 5.75 -5.86
N THR B 163 14.58 5.16 -5.06
CA THR B 163 13.79 5.94 -4.14
C THR B 163 14.55 6.32 -2.87
N ALA B 164 15.69 5.71 -2.59
CA ALA B 164 16.31 5.96 -1.30
C ALA B 164 16.87 7.38 -1.22
N HIS B 165 17.25 7.93 -2.36
CA HIS B 165 17.75 9.30 -2.40
C HIS B 165 16.83 10.28 -1.68
N PHE B 166 15.53 9.97 -1.60
CA PHE B 166 14.57 10.92 -1.05
C PHE B 166 14.18 10.64 0.40
N ARG B 167 14.87 9.70 1.07
CA ARG B 167 14.56 9.41 2.45
C ARG B 167 14.74 10.67 3.29
N GLY B 168 14.21 10.64 4.52
CA GLY B 168 14.36 11.80 5.41
C GLY B 168 15.80 12.17 5.69
N ASP B 169 16.63 11.18 6.01
CA ASP B 169 18.02 11.50 6.32
C ASP B 169 18.84 11.93 5.08
N ARG B 170 18.29 11.87 3.87
CA ARG B 170 19.09 12.16 2.68
C ARG B 170 18.53 13.28 1.84
N CYS B 171 17.39 13.82 2.20
CA CYS B 171 16.76 14.84 1.45
C CYS B 171 16.05 15.69 2.50
N LYS B 172 16.85 16.45 3.27
CA LYS B 172 16.31 17.25 4.37
C LYS B 172 15.19 18.18 3.92
N THR B 173 15.13 18.54 2.63
CA THR B 173 14.22 19.59 2.20
C THR B 173 12.87 19.05 1.69
N LEU B 174 12.67 17.72 1.68
CA LEU B 174 11.36 17.12 1.42
C LEU B 174 10.81 16.43 2.65
N LEU B 175 11.52 16.55 3.77
CA LEU B 175 11.04 16.09 5.07
C LEU B 175 9.61 16.53 5.34
N GLU B 176 8.79 15.63 5.86
CA GLU B 176 7.38 15.83 6.18
C GLU B 176 6.51 16.12 4.97
N LYS B 177 7.06 15.98 3.75
CA LYS B 177 6.39 16.21 2.48
C LYS B 177 6.19 14.91 1.71
N PRO B 178 5.05 14.73 1.04
CA PRO B 178 4.80 13.47 0.36
C PRO B 178 5.71 13.30 -0.84
N LYS B 179 6.14 12.08 -1.03
CA LYS B 179 7.04 11.71 -2.11
C LYS B 179 6.33 10.60 -2.88
N LEU B 180 5.79 10.91 -4.05
CA LEU B 180 4.92 9.99 -4.77
C LEU B 180 5.73 9.30 -5.85
N PHE B 181 5.58 7.98 -5.93
CA PHE B 181 6.23 7.23 -7.01
C PHE B 181 5.20 6.40 -7.73
N PHE B 182 5.03 6.66 -9.01
CA PHE B 182 4.13 5.90 -9.85
C PHE B 182 4.97 5.03 -10.79
N ILE B 183 4.80 3.71 -10.70
CA ILE B 183 5.65 2.77 -11.41
C ILE B 183 4.81 1.93 -12.34
N GLN B 184 5.03 2.07 -13.63
CA GLN B 184 4.53 1.15 -14.62
C GLN B 184 5.69 0.33 -15.14
N ALA B 185 5.80 -0.91 -14.67
CA ALA B 185 6.92 -1.78 -14.99
C ALA B 185 6.34 -3.13 -15.44
N CYS B 186 6.08 -3.22 -16.76
CA CYS B 186 5.51 -4.41 -17.40
C CYS B 186 6.40 -5.63 -17.15
N ARG B 187 5.90 -6.49 -16.24
CA ARG B 187 6.49 -7.77 -15.79
C ARG B 187 6.03 -8.92 -16.70
N LYS B 212 12.43 13.89 15.60
CA LYS B 212 12.94 12.78 14.77
C LYS B 212 11.81 12.01 14.01
N ILE B 213 12.05 11.80 12.72
CA ILE B 213 11.06 11.28 11.76
C ILE B 213 11.56 9.97 11.20
N PRO B 214 10.70 8.97 11.03
CA PRO B 214 11.13 7.76 10.33
C PRO B 214 11.52 8.10 8.91
N VAL B 215 12.71 7.65 8.51
CA VAL B 215 13.22 8.02 7.20
C VAL B 215 12.29 7.59 6.07
N GLU B 216 11.46 6.56 6.28
N GLU B 216 11.43 6.60 6.35
CA GLU B 216 10.58 6.09 5.21
CA GLU B 216 10.54 5.95 5.39
C GLU B 216 9.21 6.74 5.21
C GLU B 216 9.19 6.63 5.29
N ALA B 217 8.88 7.56 6.20
CA ALA B 217 7.59 8.26 6.22
C ALA B 217 7.32 9.10 4.96
N ASP B 218 6.02 9.28 4.67
CA ASP B 218 5.50 10.12 3.60
C ASP B 218 5.95 9.70 2.21
N PHE B 219 6.21 8.42 2.00
CA PHE B 219 6.33 7.88 0.65
C PHE B 219 5.00 7.23 0.25
N LEU B 220 4.69 7.31 -1.03
CA LEU B 220 3.60 6.53 -1.56
C LEU B 220 4.08 5.91 -2.87
N PHE B 221 3.77 4.64 -3.08
CA PHE B 221 4.10 3.94 -4.31
C PHE B 221 2.82 3.41 -4.90
N ALA B 222 2.61 3.69 -6.18
CA ALA B 222 1.46 3.22 -6.94
C ALA B 222 2.00 2.37 -8.07
N TYR B 223 1.97 1.06 -7.94
CA TYR B 223 2.48 0.21 -9.00
C TYR B 223 1.36 -0.23 -9.92
N SER B 224 1.70 -0.41 -11.19
CA SER B 224 0.68 -0.76 -12.18
C SER B 224 0.18 -2.18 -11.98
N THR B 225 0.87 -2.99 -11.18
CA THR B 225 0.44 -4.36 -10.91
C THR B 225 1.00 -4.84 -9.57
N VAL B 226 0.44 -5.93 -9.04
CA VAL B 226 0.92 -6.55 -7.78
C VAL B 226 2.21 -7.29 -8.11
N PRO B 227 3.14 -7.50 -7.13
CA PRO B 227 4.46 -8.13 -7.34
C PRO B 227 4.60 -9.22 -8.43
N SER B 231 1.99 -7.30 -16.22
CA SER B 231 1.24 -6.06 -16.44
C SER B 231 1.27 -5.57 -17.91
N TRP B 232 0.10 -5.54 -18.56
CA TRP B 232 0.03 -5.35 -20.00
C TRP B 232 0.11 -3.87 -20.40
N ARG B 233 -0.03 -3.63 -21.72
CA ARG B 233 -0.03 -2.32 -22.38
C ARG B 233 -0.56 -2.51 -23.80
N SER B 234 -0.98 -1.41 -24.42
CA SER B 234 -1.52 -1.42 -25.78
C SER B 234 -0.61 -0.61 -26.73
N PRO B 235 0.06 -1.26 -27.70
CA PRO B 235 0.86 -0.50 -28.68
C PRO B 235 0.14 0.72 -29.27
N GLY B 236 -1.15 0.59 -29.56
CA GLY B 236 -1.93 1.73 -29.96
C GLY B 236 -2.69 2.50 -28.91
N ARG B 237 -3.14 1.88 -27.82
CA ARG B 237 -3.95 2.62 -26.85
C ARG B 237 -3.15 3.11 -25.65
N GLY B 238 -2.02 2.49 -25.35
CA GLY B 238 -1.22 2.85 -24.19
C GLY B 238 -1.43 1.90 -23.04
N SER B 239 -1.00 2.34 -21.85
CA SER B 239 -1.21 1.45 -20.72
C SER B 239 -2.64 1.58 -20.23
N TRP B 240 -2.98 0.62 -19.39
CA TRP B 240 -4.31 0.48 -18.80
C TRP B 240 -4.33 1.48 -17.66
N PHE B 241 -3.49 1.18 -16.67
CA PHE B 241 -3.18 2.03 -15.53
C PHE B 241 -3.16 3.51 -15.91
N VAL B 242 -2.26 3.87 -16.84
CA VAL B 242 -2.06 5.29 -17.19
C VAL B 242 -3.34 5.89 -17.74
N GLN B 243 -4.00 5.18 -18.68
CA GLN B 243 -5.24 5.72 -19.23
C GLN B 243 -6.23 6.02 -18.11
N ALA B 244 -6.30 5.10 -17.14
CA ALA B 244 -7.24 5.22 -16.04
C ALA B 244 -6.81 6.33 -15.08
N LEU B 245 -5.57 6.24 -14.58
CA LEU B 245 -5.00 7.27 -13.71
C LEU B 245 -5.24 8.67 -14.27
N CYS B 246 -4.90 8.87 -15.53
CA CYS B 246 -5.00 10.18 -16.13
C CYS B 246 -6.45 10.64 -16.25
N SER B 247 -7.35 9.78 -16.71
CA SER B 247 -8.76 10.11 -16.67
C SER B 247 -9.18 10.59 -15.26
N ILE B 248 -9.00 9.73 -14.26
CA ILE B 248 -9.46 10.10 -12.93
C ILE B 248 -8.77 11.36 -12.42
N LEU B 249 -7.55 11.63 -12.86
CA LEU B 249 -6.89 12.83 -12.35
C LEU B 249 -7.53 14.07 -12.93
N GLU B 250 -7.98 14.01 -14.19
CA GLU B 250 -8.54 15.21 -14.80
C GLU B 250 -9.91 15.52 -14.16
N GLU B 251 -10.77 14.50 -14.03
CA GLU B 251 -12.08 14.73 -13.43
C GLU B 251 -11.95 15.17 -11.99
N HIS B 252 -11.13 14.47 -11.22
CA HIS B 252 -11.21 14.58 -9.77
C HIS B 252 -9.88 14.90 -9.09
N GLY B 253 -8.82 15.17 -9.85
CA GLY B 253 -7.51 15.36 -9.24
C GLY B 253 -7.48 16.53 -8.27
N LYS B 254 -8.33 17.52 -8.45
CA LYS B 254 -8.24 18.66 -7.55
C LYS B 254 -9.29 18.61 -6.44
N ASP B 255 -10.10 17.55 -6.35
CA ASP B 255 -11.09 17.44 -5.27
C ASP B 255 -11.11 16.09 -4.55
N LEU B 256 -10.26 15.12 -4.92
CA LEU B 256 -10.21 13.85 -4.22
C LEU B 256 -8.89 13.65 -3.52
N GLU B 257 -8.95 12.93 -2.41
CA GLU B 257 -7.74 12.57 -1.68
C GLU B 257 -7.00 11.52 -2.50
N ILE B 258 -5.67 11.47 -2.34
CA ILE B 258 -4.81 10.67 -3.21
C ILE B 258 -5.24 9.19 -3.18
N MET B 259 -5.56 8.67 -1.98
CA MET B 259 -5.99 7.28 -1.87
C MET B 259 -7.37 7.09 -2.47
N GLN B 260 -8.22 8.11 -2.37
CA GLN B 260 -9.49 8.05 -3.10
C GLN B 260 -9.25 7.94 -4.58
N ILE B 261 -8.38 8.79 -5.11
CA ILE B 261 -8.02 8.67 -6.52
C ILE B 261 -7.47 7.29 -6.83
N LEU B 262 -6.45 6.85 -6.09
CA LEU B 262 -5.81 5.61 -6.48
C LEU B 262 -6.75 4.42 -6.37
N THR B 263 -7.64 4.44 -5.37
CA THR B 263 -8.64 3.38 -5.27
C THR B 263 -9.50 3.35 -6.53
N ARG B 264 -9.97 4.51 -6.99
CA ARG B 264 -10.81 4.51 -8.19
C ARG B 264 -10.04 3.99 -9.41
N VAL B 265 -8.75 4.31 -9.50
CA VAL B 265 -7.93 3.73 -10.57
C VAL B 265 -7.92 2.23 -10.46
N ASN B 266 -7.72 1.71 -9.23
CA ASN B 266 -7.75 0.26 -9.02
C ASN B 266 -9.03 -0.33 -9.58
N ASP B 267 -10.17 0.27 -9.24
CA ASP B 267 -11.44 -0.28 -9.68
C ASP B 267 -11.51 -0.28 -11.19
N ARG B 268 -11.05 0.82 -11.83
CA ARG B 268 -11.16 0.93 -13.28
C ARG B 268 -10.23 -0.05 -14.00
N VAL B 269 -9.00 -0.23 -13.53
CA VAL B 269 -8.14 -1.22 -14.19
C VAL B 269 -8.72 -2.63 -14.02
N ALA B 270 -9.51 -2.83 -12.96
CA ALA B 270 -10.13 -4.12 -12.66
C ALA B 270 -11.35 -4.40 -13.53
N ARG B 271 -12.38 -3.54 -13.44
CA ARG B 271 -13.61 -3.77 -14.17
C ARG B 271 -13.68 -3.14 -15.55
N HIS B 272 -12.66 -2.40 -15.99
CA HIS B 272 -12.69 -1.82 -17.34
C HIS B 272 -12.11 -2.76 -18.37
N PHE B 273 -11.30 -3.70 -17.92
CA PHE B 273 -10.64 -4.55 -18.85
C PHE B 273 -10.74 -6.03 -18.45
N LYS B 286 -8.23 -9.05 -15.44
CA LYS B 286 -7.01 -9.85 -15.54
C LYS B 286 -5.75 -9.11 -14.99
N GLN B 287 -5.91 -7.97 -14.33
CA GLN B 287 -4.79 -7.23 -13.75
C GLN B 287 -5.30 -6.30 -12.63
N ILE B 288 -4.49 -6.09 -11.60
CA ILE B 288 -4.88 -5.17 -10.51
C ILE B 288 -3.69 -4.35 -10.01
N PRO B 289 -3.81 -3.04 -9.95
CA PRO B 289 -2.70 -2.24 -9.42
C PRO B 289 -2.63 -2.34 -7.91
N CYS B 290 -1.57 -1.77 -7.36
CA CYS B 290 -1.18 -2.00 -5.98
C CYS B 290 -0.61 -0.70 -5.43
N VAL B 291 -1.21 -0.15 -4.36
CA VAL B 291 -0.73 1.07 -3.73
C VAL B 291 -0.08 0.71 -2.41
N VAL B 292 1.09 1.28 -2.14
CA VAL B 292 1.80 1.07 -0.86
C VAL B 292 1.92 2.44 -0.22
N SER B 293 1.17 2.69 0.84
CA SER B 293 1.16 4.03 1.39
C SER B 293 1.87 4.08 2.73
N MET B 294 2.74 5.06 2.88
CA MET B 294 3.29 5.46 4.16
C MET B 294 3.04 6.93 4.43
N LEU B 295 2.02 7.49 3.79
CA LEU B 295 1.71 8.86 4.08
C LEU B 295 1.22 8.95 5.52
N THR B 296 1.47 10.10 6.13
CA THR B 296 1.04 10.37 7.48
C THR B 296 -0.13 11.34 7.55
N LYS B 297 -0.52 11.93 6.41
CA LYS B 297 -1.67 12.84 6.32
C LYS B 297 -2.45 12.54 5.06
N GLU B 298 -3.61 13.18 4.92
CA GLU B 298 -4.34 13.09 3.66
C GLU B 298 -3.68 14.02 2.65
N LEU B 299 -3.69 13.61 1.39
CA LEU B 299 -3.03 14.38 0.33
C LEU B 299 -4.07 14.86 -0.66
N TYR B 300 -4.36 16.16 -0.64
CA TYR B 300 -5.17 16.80 -1.66
C TYR B 300 -4.28 17.73 -2.48
N PHE B 301 -4.46 17.75 -3.79
CA PHE B 301 -3.66 18.62 -4.65
C PHE B 301 -4.25 20.03 -4.77
N SER B 302 -4.61 20.70 -3.68
CA SER B 302 -5.31 21.97 -3.88
C SER B 302 -5.22 22.83 -2.63
N GLN B 303 -5.36 24.14 -2.88
CA GLN B 303 -5.51 25.25 -1.90
C GLN B 303 -4.72 25.06 -0.60
C5 8YM C . 10.77 0.81 -3.10
C4 8YM C . 9.57 0.14 -3.13
C2 8YM C . 9.67 -0.22 -0.75
C6 8YM C . 11.45 0.95 -1.91
C 8YM C . 9.79 -1.84 1.26
O 8YM C . 7.85 -0.58 0.68
C1 8YM C . 9.03 -0.81 0.46
C10 8YM C . 9.27 3.56 1.98
C11 8YM C . 10.01 4.72 1.92
C12 8YM C . 11.34 4.67 1.51
C13 8YM C . 11.92 3.47 1.15
C14 8YM C . 13.37 3.49 0.77
C3 8YM C . 9.01 -0.37 -1.97
C7 8YM C . 10.93 0.42 -0.73
C8 8YM C . 11.18 2.27 1.27
C9 8YM C . 9.84 2.35 1.64
O1 8YM C . 13.69 3.81 -0.41
O2 8YM C . 14.20 3.25 1.67
S 8YM C . 11.82 0.69 0.79
#